data_8J0E
#
_entry.id   8J0E
#
loop_
_entity.id
_entity.type
_entity.pdbx_description
1 polymer 'Delta-1-pyrroline-5-carboxylate synthase B'
2 non-polymer '(2~{R})-5-[[[[(2~{R},3~{S},4~{S},5~{R})-5-(6-aminopurin-9-yl)-3,4-bis(oxidanyl)oxolan-2-yl]methoxy-oxidanyl-phosphoryl]oxy-oxidanyl-phosphoryl]oxy-oxidanyl-phosphoryl]oxy-2-azanyl-5-oxidanylidene-pentanoic acid'
3 non-polymer 'MAGNESIUM ION'
#
_entity_poly.entity_id   1
_entity_poly.type   'polypeptide(L)'
_entity_poly.pdbx_seq_one_letter_code
;MTEIDRSRAFAKDVKRIVVKVGTAVVTGKGGRLALGRLGAICEQLAELNSDGFEVILVSSGAVGLGRQRLRYRQLVNSSF
ADLQKPQMELDGKACAGVGQSSLMAYYETMFDQLDVTVAQMLVTDSSFRDKDFRKQLSETVKAMLRMRVIPVFNENDAIS
TRRAPYKDSTGIFWDNDSLAALLSLELKADLLILLSDVEGLYTGPPSDSTSKLIHTFIKEKHQDEITFGEKSKLGRGGMT
AKVKAAVNAAYGGVPVIITSGYAAENISKVLRGLRVGTLFHQDAHLWAPVVDTTSRDMAVAARESSRKLQALSSEDRKQI
LHDIANALEVNEKTIKAENDLDVAAAQEAGYEESLVARLVMKPGKISSLAASVRQLAEMEDPIGRVLKKTQVADDLILEK
TSSPIGVLLIVFESRPDALVQIASLAIRSGNGLLLKGGKEARRSNAILHKVITDAIPETVGGKLIGLVTSREEIPDLLKL
DDVIDLVIPRGSNKLVSQIKNSTKIPVLGHADGICHVYVDKSGKLDMAKRIVSDAKLDYPAACNAMETLLVHKDLEQNGF
LDDLIYVLQTKGVTLYGGPRASAKLNIPETKSFHHEYSSKACTVEIVEDVYGAIDHIHQHGSAHTDCIVTEDSEVAEIFL
RQVDSAAVFHNASTRFSDGFRFGLGAEVGISTSRIHARGPVGVEGLLTTRWIMRGKGQVVDGDNGIVYTHKDLPVLQRTE
AVENGI
;
_entity_poly.pdbx_strand_id   F,A,B,E
#
# COMPACT_ATOMS: atom_id res chain seq x y z
N TYR A 72 27.85 16.45 -32.44
CA TYR A 72 26.82 17.05 -31.62
C TYR A 72 25.44 16.66 -32.09
N ARG A 73 25.26 16.47 -33.38
CA ARG A 73 23.97 15.99 -33.84
C ARG A 73 23.74 14.61 -33.27
N GLN A 74 24.78 13.78 -33.30
CA GLN A 74 24.65 12.45 -32.72
C GLN A 74 24.33 12.58 -31.25
N LEU A 75 24.99 13.48 -30.55
CA LEU A 75 24.78 13.58 -29.12
C LEU A 75 23.37 14.07 -28.78
N VAL A 76 22.78 14.88 -29.66
CA VAL A 76 21.41 15.35 -29.43
C VAL A 76 20.36 14.33 -29.88
N ASN A 77 20.72 13.40 -30.75
CA ASN A 77 19.72 12.38 -31.11
C ASN A 77 19.91 11.05 -30.41
N SER A 78 20.88 10.97 -29.50
CA SER A 78 21.16 9.68 -28.92
C SER A 78 20.27 9.45 -27.74
N SER A 79 20.11 8.21 -27.35
CA SER A 79 19.34 7.91 -26.17
C SER A 79 20.34 7.69 -25.10
N PHE A 80 20.04 8.10 -23.86
CA PHE A 80 21.04 8.01 -22.78
C PHE A 80 21.71 6.65 -22.73
N ALA A 81 20.93 5.61 -22.91
CA ALA A 81 21.50 4.29 -22.90
C ALA A 81 22.59 4.24 -23.95
N ASP A 82 22.34 4.82 -25.11
CA ASP A 82 23.33 4.76 -26.19
C ASP A 82 24.65 5.34 -25.76
N LEU A 83 24.59 6.44 -25.01
CA LEU A 83 25.82 7.07 -24.53
C LEU A 83 26.63 6.06 -23.75
N GLN A 84 25.94 5.12 -23.11
CA GLN A 84 26.65 4.14 -22.29
C GLN A 84 27.45 3.19 -23.17
N LYS A 85 26.88 2.77 -24.29
CA LYS A 85 27.62 1.93 -25.21
C LYS A 85 28.52 2.78 -26.07
N PRO A 86 29.83 2.49 -26.06
CA PRO A 86 30.78 3.25 -26.89
C PRO A 86 30.22 3.61 -28.27
N ARG B 69 29.47 0.26 -13.09
CA ARG B 69 28.69 0.90 -12.05
C ARG B 69 29.11 2.34 -11.84
N LEU B 70 30.40 2.56 -11.65
CA LEU B 70 30.90 3.91 -11.50
C LEU B 70 30.66 4.66 -12.80
N ARG B 71 30.82 3.98 -13.92
CA ARG B 71 30.57 4.61 -15.20
C ARG B 71 29.12 5.02 -15.30
N TYR B 72 28.23 4.13 -14.88
CA TYR B 72 26.83 4.45 -14.91
C TYR B 72 26.57 5.66 -14.06
N ARG B 73 27.16 5.73 -12.87
CA ARG B 73 26.85 6.84 -12.00
C ARG B 73 27.32 8.11 -12.68
N GLN B 74 28.51 8.07 -13.26
CA GLN B 74 29.05 9.24 -13.93
C GLN B 74 28.14 9.71 -15.05
N LEU B 75 27.63 8.79 -15.87
CA LEU B 75 26.71 9.20 -16.91
C LEU B 75 25.44 9.79 -16.31
N VAL B 76 24.83 9.09 -15.37
CA VAL B 76 23.60 9.58 -14.78
C VAL B 76 23.75 11.00 -14.30
N ASN B 77 24.96 11.41 -13.98
CA ASN B 77 25.15 12.75 -13.44
C ASN B 77 25.79 13.73 -14.42
N SER B 78 26.43 13.22 -15.47
CA SER B 78 27.10 14.09 -16.41
C SER B 78 26.11 14.98 -17.13
N SER B 79 26.50 16.21 -17.42
CA SER B 79 25.63 17.13 -18.14
C SER B 79 25.84 16.93 -19.62
N PHE B 80 24.77 17.02 -20.39
CA PHE B 80 24.86 16.79 -21.83
C PHE B 80 26.10 17.44 -22.38
N ALA B 81 26.37 18.66 -21.95
CA ALA B 81 27.55 19.37 -22.41
C ALA B 81 28.82 18.55 -22.18
N ASP B 82 28.93 17.93 -21.01
CA ASP B 82 30.10 17.12 -20.69
C ASP B 82 30.18 15.92 -21.61
N LEU B 83 29.04 15.31 -21.92
CA LEU B 83 29.05 14.21 -22.86
C LEU B 83 29.61 14.77 -24.15
N GLN B 84 29.33 16.04 -24.43
CA GLN B 84 29.88 16.67 -25.62
C GLN B 84 31.37 16.79 -25.48
N LYS B 85 31.84 17.10 -24.28
CA LYS B 85 33.27 17.27 -24.06
C LYS B 85 33.94 15.94 -23.73
N ASP C 5 -10.52 -0.22 29.05
CA ASP C 5 -11.96 0.00 28.96
C ASP C 5 -12.66 -1.19 28.32
N ARG C 6 -14.00 -1.17 28.33
CA ARG C 6 -14.75 -2.25 27.73
C ARG C 6 -14.63 -2.25 26.21
N SER C 7 -14.40 -1.09 25.61
CA SER C 7 -14.25 -1.00 24.16
C SER C 7 -13.19 -1.96 23.66
N ARG C 8 -11.94 -1.75 24.07
CA ARG C 8 -10.84 -2.61 23.64
C ARG C 8 -10.72 -3.79 24.61
N ALA C 9 -11.74 -4.65 24.58
CA ALA C 9 -11.75 -5.84 25.42
C ALA C 9 -11.61 -7.12 24.64
N PHE C 10 -11.83 -7.09 23.33
CA PHE C 10 -11.70 -8.29 22.51
C PHE C 10 -10.26 -8.57 22.11
N ALA C 11 -9.34 -7.67 22.42
CA ALA C 11 -7.96 -7.83 21.95
C ALA C 11 -7.32 -9.10 22.50
N LYS C 12 -7.57 -9.40 23.78
CA LYS C 12 -6.94 -10.57 24.40
C LYS C 12 -7.37 -11.87 23.73
N ASP C 13 -8.53 -11.88 23.09
CA ASP C 13 -9.04 -13.07 22.42
C ASP C 13 -8.77 -13.05 20.91
N VAL C 14 -7.98 -12.11 20.44
CA VAL C 14 -7.70 -12.00 19.00
C VAL C 14 -6.70 -13.06 18.60
N LYS C 15 -7.01 -13.81 17.54
CA LYS C 15 -6.14 -14.86 17.04
C LYS C 15 -5.82 -14.74 15.56
N ARG C 16 -6.75 -14.28 14.74
CA ARG C 16 -6.54 -14.11 13.31
C ARG C 16 -6.74 -12.65 12.95
N ILE C 17 -5.76 -12.06 12.27
CA ILE C 17 -5.73 -10.62 12.04
C ILE C 17 -5.56 -10.36 10.54
N VAL C 18 -6.25 -9.34 10.04
CA VAL C 18 -6.07 -8.85 8.68
C VAL C 18 -5.57 -7.43 8.74
N VAL C 19 -4.39 -7.18 8.16
CA VAL C 19 -3.74 -5.88 8.21
C VAL C 19 -3.63 -5.36 6.78
N LYS C 20 -4.08 -4.13 6.57
CA LYS C 20 -4.06 -3.50 5.26
C LYS C 20 -3.20 -2.24 5.31
N VAL C 21 -2.29 -2.09 4.35
CA VAL C 21 -1.42 -0.94 4.26
C VAL C 21 -1.72 -0.18 2.98
N GLY C 22 -2.01 1.10 3.11
CA GLY C 22 -2.40 1.91 1.97
C GLY C 22 -1.20 2.38 1.17
N THR C 23 -1.51 3.12 0.10
CA THR C 23 -0.45 3.68 -0.72
C THR C 23 0.32 4.77 0.02
N ALA C 24 -0.37 5.56 0.85
CA ALA C 24 0.30 6.61 1.61
C ALA C 24 1.27 6.05 2.65
N VAL C 25 1.22 4.75 2.91
CA VAL C 25 2.13 4.10 3.84
C VAL C 25 3.24 3.35 3.12
N VAL C 26 2.89 2.61 2.05
CA VAL C 26 3.89 1.80 1.36
C VAL C 26 4.90 2.68 0.63
N THR C 27 4.42 3.65 -0.15
CA THR C 27 5.28 4.45 -0.99
C THR C 27 5.36 5.88 -0.46
N GLY C 28 6.57 6.39 -0.33
CA GLY C 28 6.76 7.72 0.21
C GLY C 28 7.15 8.72 -0.86
N LYS C 29 8.08 9.61 -0.53
CA LYS C 29 8.42 10.70 -1.43
C LYS C 29 9.18 10.17 -2.65
N GLY C 30 8.86 10.74 -3.81
CA GLY C 30 9.49 10.35 -5.06
C GLY C 30 8.88 9.14 -5.73
N GLY C 31 7.83 8.55 -5.16
CA GLY C 31 7.26 7.34 -5.70
C GLY C 31 8.01 6.08 -5.35
N ARG C 32 9.08 6.17 -4.59
CA ARG C 32 9.86 5.02 -4.19
C ARG C 32 9.28 4.39 -2.94
N LEU C 33 9.79 3.21 -2.61
CA LEU C 33 9.35 2.54 -1.39
C LEU C 33 9.76 3.32 -0.16
N ALA C 34 8.88 3.34 0.83
CA ALA C 34 9.19 3.98 2.12
C ALA C 34 9.85 2.92 2.99
N LEU C 35 11.17 2.90 2.98
CA LEU C 35 11.90 1.80 3.61
C LEU C 35 11.66 1.76 5.12
N GLY C 36 11.65 2.91 5.78
CA GLY C 36 11.51 2.91 7.23
C GLY C 36 10.17 2.37 7.68
N ARG C 37 9.09 2.89 7.12
CA ARG C 37 7.75 2.45 7.51
C ARG C 37 7.54 0.98 7.19
N LEU C 38 7.92 0.56 5.98
CA LEU C 38 7.72 -0.83 5.59
C LEU C 38 8.54 -1.77 6.45
N GLY C 39 9.78 -1.39 6.76
CA GLY C 39 10.60 -2.22 7.62
C GLY C 39 10.01 -2.35 9.01
N ALA C 40 9.52 -1.25 9.57
CA ALA C 40 8.93 -1.32 10.90
C ALA C 40 7.68 -2.20 10.90
N ILE C 41 6.83 -2.05 9.88
CA ILE C 41 5.62 -2.87 9.81
C ILE C 41 5.97 -4.34 9.65
N CYS C 42 6.96 -4.64 8.81
CA CYS C 42 7.37 -6.04 8.63
C CYS C 42 7.93 -6.62 9.91
N GLU C 43 8.72 -5.84 10.66
CA GLU C 43 9.24 -6.33 11.93
C GLU C 43 8.10 -6.62 12.91
N GLN C 44 7.11 -5.72 12.96
CA GLN C 44 5.98 -5.96 13.86
C GLN C 44 5.21 -7.20 13.46
N LEU C 45 4.99 -7.40 12.16
CA LEU C 45 4.25 -8.57 11.72
C LEU C 45 5.03 -9.86 11.99
N ALA C 46 6.35 -9.82 11.82
CA ALA C 46 7.15 -11.00 12.13
C ALA C 46 7.11 -11.32 13.61
N GLU C 47 7.18 -10.30 14.48
CA GLU C 47 7.05 -10.56 15.90
C GLU C 47 5.69 -11.15 16.24
N LEU C 48 4.63 -10.62 15.64
CA LEU C 48 3.29 -11.16 15.87
C LEU C 48 3.20 -12.61 15.42
N ASN C 49 3.72 -12.92 14.24
CA ASN C 49 3.66 -14.29 13.74
C ASN C 49 4.47 -15.23 14.60
N SER C 50 5.55 -14.74 15.21
CA SER C 50 6.31 -15.57 16.14
C SER C 50 5.60 -15.72 17.48
N ASP C 51 4.72 -14.78 17.84
CA ASP C 51 4.04 -14.86 19.13
C ASP C 51 2.76 -15.67 19.08
N GLY C 52 2.42 -16.27 17.95
CA GLY C 52 1.29 -17.17 17.87
C GLY C 52 0.05 -16.68 17.14
N PHE C 53 0.13 -15.58 16.41
CA PHE C 53 -1.01 -15.08 15.68
C PHE C 53 -0.99 -15.57 14.24
N GLU C 54 -2.16 -15.53 13.60
CA GLU C 54 -2.29 -15.76 12.17
C GLU C 54 -2.51 -14.41 11.51
N VAL C 55 -1.46 -13.85 10.93
CA VAL C 55 -1.53 -12.51 10.35
C VAL C 55 -1.78 -12.65 8.85
N ILE C 56 -2.76 -11.88 8.36
CA ILE C 56 -3.02 -11.76 6.93
C ILE C 56 -2.72 -10.33 6.53
N LEU C 57 -1.90 -10.15 5.50
CA LEU C 57 -1.48 -8.84 5.05
C LEU C 57 -2.07 -8.58 3.67
N VAL C 58 -2.78 -7.47 3.52
CA VAL C 58 -3.33 -7.05 2.23
C VAL C 58 -2.59 -5.79 1.83
N SER C 59 -1.64 -5.92 0.91
CA SER C 59 -0.78 -4.81 0.56
C SER C 59 -1.41 -3.97 -0.56
N SER C 60 -0.72 -2.91 -0.93
CA SER C 60 -1.16 -2.00 -1.98
C SER C 60 0.09 -1.26 -2.48
N GLY C 61 -0.13 -0.20 -3.24
CA GLY C 61 0.97 0.64 -3.66
C GLY C 61 1.80 0.10 -4.80
N ALA C 62 1.29 -0.87 -5.54
CA ALA C 62 2.03 -1.36 -6.70
C ALA C 62 1.96 -0.39 -7.86
N VAL C 63 0.86 0.34 -7.98
CA VAL C 63 0.70 1.26 -9.10
C VAL C 63 1.77 2.35 -9.05
N GLY C 64 1.96 2.97 -7.88
CA GLY C 64 2.92 4.05 -7.78
C GLY C 64 4.35 3.59 -7.98
N LEU C 65 4.72 2.47 -7.37
CA LEU C 65 6.07 1.96 -7.53
C LEU C 65 6.36 1.57 -8.98
N GLY C 66 5.40 0.92 -9.62
CA GLY C 66 5.58 0.58 -11.02
C GLY C 66 5.64 1.82 -11.90
N ARG C 67 4.86 2.84 -11.57
CA ARG C 67 4.89 4.08 -12.34
C ARG C 67 6.27 4.73 -12.24
N GLN C 68 6.85 4.76 -11.04
CA GLN C 68 8.20 5.31 -10.91
C GLN C 68 9.21 4.49 -11.68
N ARG C 69 9.13 3.16 -11.59
CA ARG C 69 10.06 2.30 -12.33
C ARG C 69 9.96 2.55 -13.83
N LEU C 70 8.75 2.62 -14.35
CA LEU C 70 8.57 2.81 -15.78
C LEU C 70 8.97 4.21 -16.21
N ARG C 71 8.80 5.22 -15.35
CA ARG C 71 9.28 6.55 -15.70
C ARG C 71 10.80 6.55 -15.80
N TYR C 72 11.52 5.92 -14.91
CA TYR C 72 12.96 5.85 -15.07
C TYR C 72 13.26 5.15 -16.36
N ARG C 73 12.71 3.97 -16.57
CA ARG C 73 13.08 3.25 -17.78
C ARG C 73 12.81 4.06 -19.03
N GLN C 74 11.69 4.79 -19.05
CA GLN C 74 11.36 5.63 -20.20
C GLN C 74 12.40 6.73 -20.37
N LEU C 75 12.82 7.35 -19.26
CA LEU C 75 13.86 8.38 -19.37
C LEU C 75 15.16 7.79 -19.90
N VAL C 76 15.52 6.60 -19.42
CA VAL C 76 16.76 5.97 -19.89
C VAL C 76 16.68 5.68 -21.39
N ASN C 77 15.55 5.16 -21.86
CA ASN C 77 15.44 4.75 -23.25
C ASN C 77 15.17 5.92 -24.20
N SER C 78 14.85 7.09 -23.67
CA SER C 78 14.48 8.21 -24.54
C SER C 78 15.64 8.87 -25.27
N SER C 79 15.36 9.96 -25.98
CA SER C 79 16.39 10.66 -26.74
C SER C 79 16.34 12.14 -26.42
N PHE C 80 17.49 12.78 -26.36
CA PHE C 80 17.52 14.17 -25.94
C PHE C 80 16.45 14.97 -26.65
N ALA C 81 16.29 14.73 -27.94
CA ALA C 81 15.27 15.43 -28.70
C ALA C 81 13.90 15.22 -28.09
N ASP C 82 13.58 13.97 -27.74
CA ASP C 82 12.28 13.65 -27.15
C ASP C 82 12.14 14.12 -25.72
N LEU C 83 13.25 14.12 -24.99
CA LEU C 83 13.19 14.61 -23.63
C LEU C 83 12.59 15.98 -23.73
N GLN C 84 12.93 16.69 -24.80
CA GLN C 84 12.36 18.02 -25.01
C GLN C 84 10.85 17.93 -25.15
N LYS C 85 10.38 17.06 -26.04
CA LYS C 85 8.95 16.94 -26.29
C LYS C 85 8.21 16.47 -25.05
N PRO C 86 7.08 17.10 -24.74
CA PRO C 86 6.29 16.60 -23.61
C PRO C 86 6.11 15.10 -23.74
N GLN C 87 6.58 14.34 -22.76
CA GLN C 87 6.50 12.89 -22.83
C GLN C 87 5.11 12.37 -22.46
N MET C 88 4.63 11.36 -23.18
CA MET C 88 3.27 10.86 -22.98
C MET C 88 3.07 10.09 -21.69
N GLU C 89 1.82 9.88 -21.32
CA GLU C 89 1.52 9.18 -20.09
C GLU C 89 1.82 7.70 -20.22
N LEU C 90 1.96 7.03 -19.08
CA LEU C 90 2.21 5.60 -19.04
C LEU C 90 0.92 4.86 -18.69
N ASP C 91 0.69 3.72 -19.34
CA ASP C 91 -0.51 2.95 -19.10
C ASP C 91 -0.55 2.48 -17.65
N GLY C 92 -1.72 2.63 -17.02
CA GLY C 92 -1.84 2.26 -15.62
C GLY C 92 -1.67 0.77 -15.39
N LYS C 93 -2.21 -0.05 -16.30
CA LYS C 93 -2.09 -1.49 -16.14
C LYS C 93 -0.64 -1.93 -16.27
N ALA C 94 0.09 -1.35 -17.21
CA ALA C 94 1.52 -1.67 -17.33
C ALA C 94 2.27 -1.27 -16.06
N CYS C 95 1.95 -0.11 -15.50
CA CYS C 95 2.60 0.31 -14.27
C CYS C 95 2.32 -0.66 -13.14
N ALA C 96 1.08 -1.10 -13.00
CA ALA C 96 0.75 -2.05 -11.95
C ALA C 96 1.48 -3.37 -12.16
N GLY C 97 1.53 -3.86 -13.40
CA GLY C 97 2.21 -5.11 -13.67
C GLY C 97 3.69 -5.05 -13.36
N VAL C 98 4.31 -3.90 -13.63
CA VAL C 98 5.72 -3.73 -13.29
C VAL C 98 5.90 -3.64 -11.78
N GLY C 99 5.03 -2.89 -11.10
CA GLY C 99 5.25 -2.60 -9.69
C GLY C 99 4.95 -3.75 -8.76
N GLN C 100 4.03 -4.64 -9.14
CA GLN C 100 3.70 -5.76 -8.27
C GLN C 100 4.93 -6.64 -8.05
N SER C 101 5.69 -6.89 -9.10
CA SER C 101 6.87 -7.74 -8.97
C SER C 101 7.89 -7.13 -8.02
N SER C 102 8.19 -5.84 -8.18
CA SER C 102 9.17 -5.20 -7.31
C SER C 102 8.69 -5.17 -5.87
N LEU C 103 7.41 -4.87 -5.66
CA LEU C 103 6.89 -4.84 -4.30
C LEU C 103 6.99 -6.21 -3.64
N MET C 104 6.64 -7.26 -4.37
CA MET C 104 6.69 -8.59 -3.78
C MET C 104 8.13 -9.03 -3.53
N ALA C 105 9.05 -8.67 -4.42
CA ALA C 105 10.45 -8.99 -4.17
C ALA C 105 10.95 -8.31 -2.91
N TYR C 106 10.59 -7.03 -2.73
CA TYR C 106 10.99 -6.34 -1.50
C TYR C 106 10.39 -7.01 -0.27
N TYR C 107 9.11 -7.38 -0.34
CA TYR C 107 8.48 -8.03 0.80
C TYR C 107 9.19 -9.34 1.13
N GLU C 108 9.51 -10.13 0.11
CA GLU C 108 10.18 -11.39 0.34
C GLU C 108 11.55 -11.18 0.96
N THR C 109 12.30 -10.17 0.49
CA THR C 109 13.62 -9.92 1.06
C THR C 109 13.51 -9.50 2.53
N MET C 110 12.61 -8.58 2.84
CA MET C 110 12.48 -8.11 4.21
C MET C 110 12.06 -9.23 5.14
N PHE C 111 11.11 -10.07 4.70
CA PHE C 111 10.69 -11.15 5.59
C PHE C 111 11.68 -12.30 5.62
N ASP C 112 12.57 -12.40 4.63
CA ASP C 112 13.64 -13.38 4.71
C ASP C 112 14.70 -12.95 5.69
N GLN C 113 14.95 -11.65 5.81
CA GLN C 113 15.87 -11.18 6.83
C GLN C 113 15.39 -11.55 8.23
N LEU C 114 14.08 -11.64 8.42
CA LEU C 114 13.49 -11.97 9.71
C LEU C 114 13.11 -13.44 9.83
N ASP C 115 13.41 -14.26 8.83
CA ASP C 115 13.10 -15.68 8.84
C ASP C 115 11.59 -15.91 8.95
N VAL C 116 10.87 -15.34 7.99
CA VAL C 116 9.42 -15.53 7.86
C VAL C 116 9.10 -15.75 6.40
N THR C 117 8.30 -16.76 6.10
CA THR C 117 7.89 -17.06 4.73
C THR C 117 6.64 -16.27 4.38
N VAL C 118 6.55 -15.82 3.13
CA VAL C 118 5.40 -15.07 2.65
C VAL C 118 4.85 -15.74 1.39
N ALA C 119 3.57 -15.51 1.14
CA ALA C 119 2.90 -16.06 -0.03
C ALA C 119 2.14 -14.96 -0.74
N GLN C 120 2.15 -14.99 -2.07
CA GLN C 120 1.51 -13.98 -2.91
C GLN C 120 0.22 -14.56 -3.48
N MET C 121 -0.92 -14.01 -3.07
CA MET C 121 -2.22 -14.40 -3.59
C MET C 121 -2.81 -13.21 -4.33
N LEU C 122 -3.10 -13.37 -5.61
CA LEU C 122 -3.65 -12.30 -6.44
C LEU C 122 -5.05 -12.72 -6.89
N VAL C 123 -6.06 -11.98 -6.45
CA VAL C 123 -7.45 -12.29 -6.75
C VAL C 123 -8.10 -11.08 -7.40
N THR C 124 -8.82 -11.31 -8.49
CA THR C 124 -9.55 -10.26 -9.17
C THR C 124 -11.01 -10.23 -8.70
N ASP C 125 -11.79 -9.34 -9.30
CA ASP C 125 -13.18 -9.19 -8.92
C ASP C 125 -14.04 -10.34 -9.43
N SER C 126 -13.79 -10.79 -10.66
CA SER C 126 -14.61 -11.84 -11.25
C SER C 126 -14.49 -13.17 -10.52
N SER C 127 -13.41 -13.37 -9.76
CA SER C 127 -13.22 -14.66 -9.10
C SER C 127 -14.12 -14.83 -7.89
N PHE C 128 -14.54 -13.72 -7.25
CA PHE C 128 -15.31 -13.82 -6.02
C PHE C 128 -16.78 -14.14 -6.25
N ARG C 129 -17.21 -14.31 -7.49
CA ARG C 129 -18.59 -14.69 -7.78
C ARG C 129 -18.73 -16.16 -8.10
N ASP C 130 -17.64 -16.88 -8.31
CA ASP C 130 -17.71 -18.32 -8.50
C ASP C 130 -18.15 -19.00 -7.21
N LYS C 131 -18.94 -20.06 -7.35
CA LYS C 131 -19.44 -20.77 -6.18
C LYS C 131 -18.31 -21.45 -5.42
N ASP C 132 -17.40 -22.09 -6.16
CA ASP C 132 -16.33 -22.86 -5.53
C ASP C 132 -15.21 -21.98 -4.99
N PHE C 133 -15.00 -20.80 -5.57
CA PHE C 133 -13.85 -19.99 -5.16
C PHE C 133 -13.95 -19.56 -3.70
N ARG C 134 -15.14 -19.13 -3.27
CA ARG C 134 -15.31 -18.73 -1.89
C ARG C 134 -15.14 -19.88 -0.92
N LYS C 135 -15.12 -21.12 -1.41
CA LYS C 135 -14.83 -22.29 -0.59
C LYS C 135 -13.38 -22.69 -0.64
N GLN C 136 -12.76 -22.69 -1.83
CA GLN C 136 -11.38 -23.10 -1.94
C GLN C 136 -10.42 -22.08 -1.34
N LEU C 137 -10.75 -20.80 -1.44
CA LEU C 137 -9.89 -19.77 -0.87
C LEU C 137 -9.78 -19.93 0.63
N SER C 138 -10.89 -20.25 1.30
CA SER C 138 -10.85 -20.45 2.74
C SER C 138 -9.90 -21.59 3.10
N GLU C 139 -9.99 -22.71 2.37
CA GLU C 139 -9.14 -23.85 2.66
C GLU C 139 -7.67 -23.52 2.42
N THR C 140 -7.36 -22.83 1.32
CA THR C 140 -5.97 -22.50 1.02
C THR C 140 -5.40 -21.55 2.07
N VAL C 141 -6.17 -20.54 2.46
CA VAL C 141 -5.71 -19.61 3.47
C VAL C 141 -5.49 -20.32 4.79
N LYS C 142 -6.42 -21.22 5.16
CA LYS C 142 -6.26 -21.95 6.41
C LYS C 142 -5.02 -22.84 6.38
N ALA C 143 -4.77 -23.50 5.24
CA ALA C 143 -3.59 -24.34 5.13
C ALA C 143 -2.32 -23.52 5.24
N MET C 144 -2.28 -22.35 4.61
CA MET C 144 -1.10 -21.51 4.72
C MET C 144 -0.90 -21.02 6.15
N LEU C 145 -1.97 -20.60 6.82
CA LEU C 145 -1.84 -20.07 8.16
C LEU C 145 -1.43 -21.14 9.16
N ARG C 146 -1.90 -22.37 8.96
CA ARG C 146 -1.53 -23.46 9.86
C ARG C 146 -0.02 -23.71 9.82
N MET C 147 0.61 -23.45 8.68
CA MET C 147 2.04 -23.69 8.50
C MET C 147 2.89 -22.50 8.91
N ARG C 148 2.30 -21.47 9.52
CA ARG C 148 3.01 -20.26 9.93
C ARG C 148 3.57 -19.49 8.72
N VAL C 149 2.65 -19.05 7.86
CA VAL C 149 2.98 -18.23 6.70
C VAL C 149 2.07 -17.01 6.72
N ILE C 150 2.50 -15.96 6.02
CA ILE C 150 1.75 -14.72 5.95
C ILE C 150 1.26 -14.48 4.53
N PRO C 151 0.01 -14.76 4.21
CA PRO C 151 -0.48 -14.46 2.85
C PRO C 151 -0.51 -12.96 2.60
N VAL C 152 -0.05 -12.57 1.42
CA VAL C 152 -0.04 -11.17 1.00
C VAL C 152 -1.03 -11.04 -0.15
N PHE C 153 -2.22 -10.52 0.16
CA PHE C 153 -3.27 -10.37 -0.82
C PHE C 153 -3.19 -9.01 -1.50
N ASN C 154 -3.70 -8.95 -2.72
CA ASN C 154 -3.86 -7.70 -3.45
C ASN C 154 -4.86 -7.95 -4.57
N GLU C 155 -5.23 -6.90 -5.27
CA GLU C 155 -6.09 -7.01 -6.44
C GLU C 155 -5.21 -7.02 -7.68
N ASN C 156 -5.31 -8.08 -8.45
CA ASN C 156 -4.48 -8.23 -9.64
C ASN C 156 -4.90 -7.17 -10.65
N ASP C 157 -4.12 -6.09 -10.75
CA ASP C 157 -4.47 -4.96 -11.59
C ASP C 157 -4.02 -5.13 -13.02
N ALA C 158 -2.97 -5.91 -13.25
CA ALA C 158 -2.50 -6.15 -14.61
C ALA C 158 -3.60 -6.76 -15.47
N ILE C 159 -4.32 -7.73 -14.92
CA ILE C 159 -5.31 -8.47 -15.71
C ILE C 159 -6.69 -7.83 -15.64
N SER C 160 -7.10 -7.40 -14.44
CA SER C 160 -8.46 -6.91 -14.20
C SER C 160 -8.87 -5.88 -15.25
N THR C 161 -10.13 -5.97 -15.65
CA THR C 161 -10.72 -5.06 -16.62
C THR C 161 -11.73 -4.18 -15.90
N ARG C 162 -11.38 -2.90 -15.74
CA ARG C 162 -12.22 -1.96 -15.02
C ARG C 162 -11.89 -0.52 -15.39
N PHE C 173 -18.97 -0.94 -4.97
CA PHE C 173 -17.64 -0.44 -5.31
C PHE C 173 -16.56 -1.32 -4.69
N TRP C 174 -15.44 -1.44 -5.38
CA TRP C 174 -14.38 -2.35 -4.96
C TRP C 174 -13.05 -1.59 -4.96
N ASP C 175 -12.46 -1.44 -3.79
CA ASP C 175 -11.11 -0.90 -3.62
C ASP C 175 -10.28 -1.97 -2.94
N ASN C 176 -9.07 -1.59 -2.54
CA ASN C 176 -8.29 -2.51 -1.71
C ASN C 176 -8.91 -2.65 -0.33
N ASP C 177 -9.52 -1.60 0.19
CA ASP C 177 -10.18 -1.68 1.50
C ASP C 177 -11.42 -2.54 1.45
N SER C 178 -12.17 -2.47 0.36
CA SER C 178 -13.31 -3.36 0.20
C SER C 178 -12.87 -4.81 0.07
N LEU C 179 -11.76 -5.05 -0.63
CA LEU C 179 -11.19 -6.40 -0.66
C LEU C 179 -10.79 -6.86 0.73
N ALA C 180 -10.19 -5.98 1.52
CA ALA C 180 -9.80 -6.35 2.88
C ALA C 180 -11.02 -6.72 3.71
N ALA C 181 -12.07 -5.91 3.64
CA ALA C 181 -13.29 -6.23 4.38
C ALA C 181 -13.87 -7.55 3.92
N LEU C 182 -13.88 -7.78 2.60
CA LEU C 182 -14.39 -9.03 2.06
C LEU C 182 -13.64 -10.22 2.62
N LEU C 183 -12.31 -10.14 2.60
CA LEU C 183 -11.49 -11.26 3.10
C LEU C 183 -11.68 -11.46 4.60
N SER C 184 -11.79 -10.36 5.35
CA SER C 184 -12.07 -10.47 6.78
C SER C 184 -13.36 -11.24 7.02
N LEU C 185 -14.41 -10.89 6.27
CA LEU C 185 -15.68 -11.60 6.39
C LEU C 185 -15.53 -13.07 6.03
N GLU C 186 -14.85 -13.36 4.92
CA GLU C 186 -14.84 -14.73 4.41
C GLU C 186 -14.00 -15.65 5.28
N LEU C 187 -12.81 -15.21 5.66
CA LEU C 187 -11.89 -16.04 6.41
C LEU C 187 -12.18 -16.04 7.91
N LYS C 188 -13.21 -15.31 8.35
CA LYS C 188 -13.61 -15.28 9.75
C LYS C 188 -12.49 -14.76 10.64
N ALA C 189 -11.82 -13.69 10.19
CA ALA C 189 -10.82 -13.04 11.01
C ALA C 189 -11.46 -12.47 12.27
N ASP C 190 -10.62 -12.14 13.25
CA ASP C 190 -11.10 -11.64 14.52
C ASP C 190 -10.72 -10.19 14.77
N LEU C 191 -10.01 -9.55 13.86
CA LEU C 191 -9.68 -8.14 13.99
C LEU C 191 -9.19 -7.63 12.64
N LEU C 192 -9.61 -6.42 12.28
CA LEU C 192 -9.24 -5.80 11.01
C LEU C 192 -8.62 -4.45 11.29
N ILE C 193 -7.36 -4.27 10.91
CA ILE C 193 -6.62 -3.06 11.16
C ILE C 193 -6.33 -2.38 9.83
N LEU C 194 -6.72 -1.12 9.70
CA LEU C 194 -6.49 -0.33 8.50
C LEU C 194 -5.40 0.69 8.81
N LEU C 195 -4.22 0.50 8.24
CA LEU C 195 -3.10 1.41 8.45
C LEU C 195 -3.12 2.47 7.36
N SER C 196 -3.32 3.72 7.76
CA SER C 196 -3.36 4.82 6.80
C SER C 196 -2.49 5.98 7.26
N ASP C 197 -2.54 7.09 6.54
CA ASP C 197 -1.70 8.22 6.87
C ASP C 197 -2.20 8.95 8.12
N VAL C 198 -3.50 9.16 8.22
CA VAL C 198 -4.04 9.93 9.33
C VAL C 198 -4.01 9.10 10.61
N GLU C 199 -4.03 9.79 11.75
CA GLU C 199 -4.08 9.11 13.03
C GLU C 199 -5.38 8.32 13.21
N GLY C 200 -6.45 8.72 12.55
CA GLY C 200 -7.71 8.01 12.66
C GLY C 200 -8.83 8.84 12.09
N LEU C 201 -10.03 8.29 12.19
CA LEU C 201 -11.22 8.98 11.71
C LEU C 201 -11.50 10.20 12.57
N TYR C 202 -11.76 11.33 11.93
CA TYR C 202 -12.08 12.57 12.62
C TYR C 202 -13.51 13.01 12.29
N THR C 203 -14.03 13.89 13.12
CA THR C 203 -15.34 14.48 12.85
C THR C 203 -15.31 15.39 11.63
N GLY C 204 -14.13 15.82 11.21
CA GLY C 204 -13.98 16.63 10.03
C GLY C 204 -12.60 16.44 9.43
N PRO C 205 -12.20 17.29 8.50
CA PRO C 205 -10.85 17.20 7.93
C PRO C 205 -9.80 17.33 9.01
N PRO C 206 -8.73 16.54 8.96
CA PRO C 206 -7.72 16.60 10.02
C PRO C 206 -6.99 17.92 10.09
N SER C 207 -6.96 18.69 8.99
CA SER C 207 -6.26 19.96 9.01
C SER C 207 -6.94 20.95 9.96
N ASP C 208 -8.27 20.98 9.97
CA ASP C 208 -8.99 21.88 10.84
C ASP C 208 -8.72 21.56 12.30
N SER C 209 -8.55 22.61 13.10
CA SER C 209 -8.28 22.44 14.53
C SER C 209 -9.52 22.04 15.32
N THR C 210 -10.70 22.08 14.72
CA THR C 210 -11.92 21.67 15.40
C THR C 210 -12.26 20.21 15.20
N SER C 211 -11.40 19.45 14.51
CA SER C 211 -11.58 18.02 14.32
C SER C 211 -10.84 17.28 15.43
N LYS C 212 -11.52 16.35 16.09
CA LYS C 212 -10.94 15.59 17.18
C LYS C 212 -11.04 14.11 16.88
N LEU C 213 -10.05 13.35 17.35
CA LEU C 213 -9.96 11.93 17.07
C LEU C 213 -11.11 11.20 17.75
N ILE C 214 -11.98 10.59 16.94
CA ILE C 214 -13.07 9.78 17.49
C ILE C 214 -12.51 8.44 17.92
N HIS C 215 -12.85 8.02 19.14
CA HIS C 215 -12.39 6.74 19.67
C HIS C 215 -13.43 5.64 19.54
N THR C 216 -14.62 5.93 19.03
CA THR C 216 -15.64 4.91 18.83
C THR C 216 -16.65 5.43 17.83
N PHE C 217 -16.89 4.65 16.77
CA PHE C 217 -17.79 5.06 15.69
C PHE C 217 -19.15 4.41 15.93
N ILE C 218 -20.06 5.17 16.52
CA ILE C 218 -21.44 4.73 16.69
C ILE C 218 -22.22 5.17 15.46
N LYS C 219 -22.87 4.21 14.79
CA LYS C 219 -23.51 4.48 13.51
C LYS C 219 -24.63 5.50 13.61
N GLU C 220 -25.23 5.67 14.79
CA GLU C 220 -26.35 6.58 14.96
C GLU C 220 -25.93 7.91 15.57
N LYS C 221 -24.65 8.15 15.70
CA LYS C 221 -24.19 9.41 16.28
C LYS C 221 -23.19 10.13 15.40
N HIS C 222 -22.30 9.41 14.73
CA HIS C 222 -21.25 10.03 13.92
C HIS C 222 -21.51 9.94 12.43
N GLN C 223 -22.50 9.17 11.99
CA GLN C 223 -22.74 9.01 10.56
C GLN C 223 -23.14 10.34 9.92
N ASP C 224 -24.00 11.10 10.58
CA ASP C 224 -24.50 12.35 10.03
C ASP C 224 -23.67 13.56 10.44
N GLU C 225 -22.81 13.44 11.44
CA GLU C 225 -22.05 14.56 11.96
C GLU C 225 -20.63 14.61 11.42
N ILE C 226 -20.28 13.72 10.50
CA ILE C 226 -18.94 13.63 9.94
C ILE C 226 -18.95 14.25 8.55
N THR C 227 -18.05 15.20 8.32
CA THR C 227 -17.87 15.82 7.01
C THR C 227 -16.54 15.38 6.44
N PHE C 228 -16.58 14.59 5.37
CA PHE C 228 -15.39 14.08 4.73
C PHE C 228 -14.82 15.10 3.76
N GLY C 229 -13.49 15.14 3.68
CA GLY C 229 -12.83 16.00 2.70
C GLY C 229 -12.46 15.25 1.43
N GLU C 230 -11.17 15.14 1.16
CA GLU C 230 -10.64 14.44 -0.01
C GLU C 230 -9.12 14.51 0.07
N LYS C 231 -8.47 13.78 -0.84
CA LYS C 231 -7.02 13.82 -0.96
C LYS C 231 -6.55 13.21 -2.28
N ARG C 236 -7.05 5.19 -4.13
CA ARG C 236 -8.23 4.73 -4.86
C ARG C 236 -9.51 5.24 -4.19
N GLY C 237 -9.41 5.52 -2.89
CA GLY C 237 -10.56 6.01 -2.15
C GLY C 237 -10.19 6.69 -0.86
N GLY C 238 -10.79 7.85 -0.59
CA GLY C 238 -10.54 8.60 0.62
C GLY C 238 -11.31 8.02 1.79
N MET C 239 -11.50 8.84 2.82
CA MET C 239 -12.19 8.38 4.01
C MET C 239 -13.68 8.16 3.82
N THR C 240 -14.21 8.43 2.63
CA THR C 240 -15.59 8.12 2.33
C THR C 240 -15.78 6.68 1.88
N ALA C 241 -14.70 5.95 1.65
CA ALA C 241 -14.74 4.55 1.27
C ALA C 241 -14.12 3.65 2.31
N LYS C 242 -13.04 4.09 2.97
CA LYS C 242 -12.58 3.40 4.16
C LYS C 242 -13.72 3.21 5.15
N VAL C 243 -14.52 4.25 5.37
CA VAL C 243 -15.61 4.16 6.34
C VAL C 243 -16.64 3.15 5.87
N LYS C 244 -17.00 3.17 4.60
CA LYS C 244 -17.97 2.22 4.07
C LYS C 244 -17.49 0.78 4.26
N ALA C 245 -16.25 0.52 3.87
CA ALA C 245 -15.71 -0.83 4.01
C ALA C 245 -15.61 -1.24 5.47
N ALA C 246 -15.23 -0.31 6.33
CA ALA C 246 -15.14 -0.62 7.75
C ALA C 246 -16.49 -1.00 8.33
N VAL C 247 -17.52 -0.21 8.00
CA VAL C 247 -18.87 -0.52 8.49
C VAL C 247 -19.31 -1.87 7.97
N ASN C 248 -19.07 -2.13 6.68
CA ASN C 248 -19.43 -3.40 6.07
C ASN C 248 -18.80 -4.57 6.81
N ALA C 249 -17.49 -4.47 7.07
CA ALA C 249 -16.79 -5.55 7.77
C ALA C 249 -17.29 -5.69 9.21
N ALA C 250 -17.52 -4.56 9.88
CA ALA C 250 -17.84 -4.59 11.30
C ALA C 250 -19.21 -5.17 11.57
N TYR C 251 -20.20 -4.79 10.76
CA TYR C 251 -21.53 -5.33 11.00
C TYR C 251 -21.71 -6.71 10.39
N GLY C 252 -20.72 -7.19 9.64
CA GLY C 252 -20.63 -8.60 9.35
C GLY C 252 -20.05 -9.44 10.46
N GLY C 253 -19.56 -8.80 11.52
CA GLY C 253 -19.08 -9.50 12.71
C GLY C 253 -17.61 -9.35 13.02
N VAL C 254 -16.83 -8.61 12.24
CA VAL C 254 -15.39 -8.48 12.42
C VAL C 254 -15.10 -7.05 12.88
N PRO C 255 -14.67 -6.84 14.12
CA PRO C 255 -14.35 -5.48 14.56
C PRO C 255 -13.23 -4.86 13.74
N VAL C 256 -13.27 -3.54 13.61
CA VAL C 256 -12.39 -2.80 12.72
C VAL C 256 -11.67 -1.72 13.51
N ILE C 257 -10.38 -1.58 13.28
CA ILE C 257 -9.56 -0.55 13.89
C ILE C 257 -8.90 0.26 12.78
N ILE C 258 -8.94 1.58 12.90
CA ILE C 258 -8.22 2.48 11.99
C ILE C 258 -7.13 3.17 12.79
N THR C 259 -5.90 3.10 12.29
CA THR C 259 -4.78 3.73 12.96
C THR C 259 -3.73 4.14 11.93
N SER C 260 -2.85 5.04 12.34
CA SER C 260 -1.82 5.56 11.46
C SER C 260 -0.74 4.51 11.21
N GLY C 261 -0.28 4.44 9.98
CA GLY C 261 0.81 3.54 9.64
C GLY C 261 2.18 4.11 9.84
N TYR C 262 2.31 5.37 10.24
CA TYR C 262 3.62 5.95 10.46
C TYR C 262 4.27 5.37 11.71
N ALA C 263 3.52 5.29 12.81
CA ALA C 263 4.05 4.70 14.03
C ALA C 263 4.21 3.20 13.84
N ALA C 264 5.35 2.68 14.29
CA ALA C 264 5.60 1.26 14.19
C ALA C 264 4.85 0.47 15.24
N GLU C 265 4.62 1.07 16.40
CA GLU C 265 4.15 0.37 17.59
C GLU C 265 2.64 0.47 17.76
N ASN C 266 1.93 0.96 16.74
CA ASN C 266 0.48 1.04 16.85
C ASN C 266 -0.15 -0.35 16.82
N ILE C 267 0.43 -1.27 16.04
CA ILE C 267 -0.14 -2.61 15.93
C ILE C 267 -0.12 -3.31 17.28
N SER C 268 1.04 -3.30 17.94
CA SER C 268 1.14 -3.98 19.22
C SER C 268 0.30 -3.30 20.28
N LYS C 269 0.25 -1.96 20.27
CA LYS C 269 -0.55 -1.26 21.26
C LYS C 269 -2.03 -1.56 21.08
N VAL C 270 -2.48 -1.70 19.83
CA VAL C 270 -3.85 -2.14 19.59
C VAL C 270 -4.05 -3.55 20.12
N LEU C 271 -3.08 -4.43 19.89
CA LEU C 271 -3.21 -5.81 20.35
C LEU C 271 -3.08 -5.96 21.85
N ARG C 272 -2.56 -4.95 22.55
CA ARG C 272 -2.51 -5.00 24.00
C ARG C 272 -3.74 -4.38 24.66
N GLY C 273 -4.72 -3.95 23.87
CA GLY C 273 -5.94 -3.39 24.42
C GLY C 273 -5.90 -1.90 24.68
N LEU C 274 -4.79 -1.22 24.38
CA LEU C 274 -4.74 0.21 24.62
C LEU C 274 -5.65 0.95 23.64
N ARG C 275 -6.03 2.16 24.03
CA ARG C 275 -6.91 3.00 23.23
C ARG C 275 -6.10 3.60 22.09
N VAL C 276 -6.23 3.02 20.90
CA VAL C 276 -5.56 3.52 19.71
C VAL C 276 -6.56 3.53 18.57
N GLY C 277 -6.75 4.68 17.95
CA GLY C 277 -7.58 4.76 16.77
C GLY C 277 -9.06 4.60 17.03
N THR C 278 -9.80 4.47 15.94
CA THR C 278 -11.25 4.38 15.97
C THR C 278 -11.70 2.94 15.75
N LEU C 279 -12.72 2.53 16.50
CA LEU C 279 -13.21 1.15 16.48
C LEU C 279 -14.57 1.12 15.82
N PHE C 280 -14.72 0.23 14.83
CA PHE C 280 -16.03 -0.08 14.25
C PHE C 280 -16.47 -1.41 14.85
N HIS C 281 -17.33 -1.36 15.85
CA HIS C 281 -17.77 -2.57 16.53
C HIS C 281 -19.29 -2.60 16.58
N GLN C 282 -19.86 -3.77 16.31
CA GLN C 282 -21.31 -3.89 16.32
C GLN C 282 -21.87 -3.75 17.72
N ASP C 283 -21.10 -4.17 18.73
CA ASP C 283 -21.53 -4.00 20.12
C ASP C 283 -21.15 -2.64 20.66
N ALA C 284 -21.50 -1.59 19.91
CA ALA C 284 -21.32 -0.21 20.34
C ALA C 284 -22.65 0.47 20.60
N HIS C 285 -23.76 -0.28 20.56
CA HIS C 285 -25.06 0.31 20.85
C HIS C 285 -25.16 0.76 22.30
N LEU C 286 -24.51 0.03 23.22
CA LEU C 286 -24.58 0.32 24.65
C LEU C 286 -23.18 0.20 25.22
N TRP C 287 -22.43 1.30 25.20
CA TRP C 287 -21.10 1.35 25.77
C TRP C 287 -20.85 2.70 26.43
N ARG D 71 13.95 26.16 -23.90
CA ARG D 71 14.18 24.92 -23.17
C ARG D 71 15.44 24.27 -23.64
N TYR D 72 15.87 24.57 -24.86
CA TYR D 72 17.03 23.88 -25.41
C TYR D 72 18.26 24.07 -24.55
N ARG D 73 18.59 25.30 -24.20
CA ARG D 73 19.81 25.54 -23.43
C ARG D 73 19.67 24.85 -22.09
N GLN D 74 18.48 24.94 -21.50
CA GLN D 74 18.24 24.31 -20.23
C GLN D 74 18.58 22.83 -20.29
N LEU D 75 18.08 22.15 -21.31
CA LEU D 75 18.31 20.72 -21.42
C LEU D 75 19.79 20.45 -21.65
N VAL D 76 20.40 21.21 -22.55
CA VAL D 76 21.80 21.01 -22.85
C VAL D 76 22.62 21.08 -21.58
N ASN D 77 22.20 21.92 -20.65
CA ASN D 77 22.90 22.03 -19.37
C ASN D 77 22.52 20.93 -18.37
N SER D 78 21.26 20.50 -18.40
CA SER D 78 20.79 19.52 -17.41
C SER D 78 21.42 18.14 -17.56
N SER D 79 21.35 17.32 -16.52
CA SER D 79 21.90 15.96 -16.56
C SER D 79 20.79 14.93 -16.50
N PHE D 80 21.05 13.69 -16.91
CA PHE D 80 19.97 12.72 -16.97
C PHE D 80 19.20 12.71 -15.66
N ALA D 81 19.95 12.60 -14.58
CA ALA D 81 19.31 12.57 -13.28
C ALA D 81 18.57 13.86 -13.11
N ASP D 82 19.05 14.91 -13.76
CA ASP D 82 18.41 16.21 -13.61
C ASP D 82 17.09 16.24 -14.39
N LEU D 83 16.99 15.46 -15.46
CA LEU D 83 15.74 15.38 -16.20
C LEU D 83 14.75 14.67 -15.31
N GLN D 84 15.25 14.09 -14.23
CA GLN D 84 14.38 13.41 -13.30
C GLN D 84 13.62 14.46 -12.53
N LYS D 85 12.43 14.11 -12.04
CA LYS D 85 11.63 15.05 -11.26
C LYS D 85 11.55 16.41 -11.95
#